data_4FIG
#
_entry.id   4FIG
#
_cell.length_a   141.918
_cell.length_b   141.918
_cell.length_c   61.872
_cell.angle_alpha   90.00
_cell.angle_beta   90.00
_cell.angle_gamma   120.00
#
_symmetry.space_group_name_H-M   'P 3'
#
loop_
_entity.id
_entity.type
_entity.pdbx_description
1 polymer 'Serine/threonine-protein kinase PAK 4'
2 non-polymer 'PHOSPHOAMINOPHOSPHONIC ACID-ADENYLATE ESTER'
3 non-polymer 'MAGNESIUM ION'
4 water water
#
_entity_poly.entity_id   1
_entity_poly.type   'polypeptide(L)'
_entity_poly.pdbx_seq_one_letter_code
;MGSSHHHHHHSSGLVPRGSHMENLYFQGARARQENGMPEKPPGPRSPQREPQRVSHEQFRAALQLVVDPGDPRSYLDNFI
KIGEGSTGIVCIATVRSSGKLVAVKKMDLRKQQRRELLFNEVVIMRDYQHENVVEMYNSYLVGDELWVVMEFLEGGALTD
IVTHTRMNEEQIAAVCLAVLQALSVLHAQGVIHRDIKSDSILLTHDGRVKLSDFGFCAQVSKEVPRRK(SEP)LVGTPYW
MAPELISRLPYGPEVDIWSLGIMVIEMVDGEPPYFNEPPLKAMKMIRDNLPPRLKNLHKVSPSLKGFLDRLLVRDPAQRA
TAAELLKHPFLAKAGPPASIVPLMRQNRTR
;
_entity_poly.pdbx_strand_id   A,B
#
loop_
_chem_comp.id
_chem_comp.type
_chem_comp.name
_chem_comp.formula
ANP non-polymer 'PHOSPHOAMINOPHOSPHONIC ACID-ADENYLATE ESTER' 'C10 H17 N6 O12 P3'
MG non-polymer 'MAGNESIUM ION' 'Mg 2'
#
# COMPACT_ATOMS: atom_id res chain seq x y z
N ARG A 53 -0.12 5.63 19.99
CA ARG A 53 0.93 4.64 19.56
C ARG A 53 1.51 4.97 18.20
N VAL A 54 2.84 4.87 18.10
CA VAL A 54 3.55 4.99 16.83
C VAL A 54 3.05 3.93 15.84
N SER A 55 2.66 2.76 16.37
CA SER A 55 2.11 1.67 15.57
C SER A 55 0.80 2.03 14.90
N HIS A 56 -0.15 2.56 15.68
CA HIS A 56 -1.47 2.89 15.16
C HIS A 56 -1.43 3.93 14.10
N GLU A 57 -0.78 5.05 14.40
CA GLU A 57 -0.75 6.22 13.52
C GLU A 57 -0.09 5.93 12.19
N GLN A 58 1.04 5.21 12.23
CA GLN A 58 1.76 4.84 11.01
C GLN A 58 0.90 3.95 10.12
N PHE A 59 0.19 3.00 10.74
CA PHE A 59 -0.69 2.11 9.99
C PHE A 59 -1.90 2.86 9.44
N ARG A 60 -2.44 3.77 10.23
CA ARG A 60 -3.58 4.59 9.82
C ARG A 60 -3.25 5.38 8.55
N ALA A 61 -2.13 6.09 8.60
CA ALA A 61 -1.67 6.94 7.50
C ALA A 61 -1.44 6.13 6.22
N ALA A 62 -0.80 4.97 6.38
CA ALA A 62 -0.54 4.07 5.27
C ALA A 62 -1.83 3.70 4.58
N LEU A 63 -2.76 3.17 5.36
CA LEU A 63 -4.07 2.76 4.88
C LEU A 63 -4.82 3.90 4.20
N GLN A 64 -4.66 5.10 4.74
CA GLN A 64 -5.24 6.31 4.16
C GLN A 64 -4.87 6.50 2.69
N LEU A 65 -3.59 6.24 2.37
CA LEU A 65 -3.07 6.38 1.01
C LEU A 65 -3.57 5.27 0.08
N VAL A 66 -3.84 4.10 0.65
CA VAL A 66 -4.32 2.95 -0.10
C VAL A 66 -5.77 3.14 -0.54
N VAL A 67 -6.64 3.51 0.40
CA VAL A 67 -8.07 3.67 0.15
C VAL A 67 -8.42 4.92 -0.66
N ASP A 68 -9.67 5.01 -1.09
CA ASP A 68 -10.19 6.20 -1.79
C ASP A 68 -10.37 7.32 -0.77
N PRO A 69 -10.28 8.58 -1.21
CA PRO A 69 -10.44 9.68 -0.26
C PRO A 69 -11.92 9.97 0.06
N GLY A 70 -12.16 10.62 1.19
CA GLY A 70 -13.49 11.07 1.55
C GLY A 70 -14.29 10.14 2.43
N ASP A 71 -15.58 10.44 2.55
CA ASP A 71 -16.52 9.72 3.40
C ASP A 71 -17.75 9.31 2.56
N PRO A 72 -18.10 8.01 2.57
CA PRO A 72 -19.18 7.51 1.71
C PRO A 72 -20.58 7.97 2.14
N ARG A 73 -20.68 8.52 3.35
CA ARG A 73 -21.95 9.04 3.87
C ARG A 73 -22.38 10.30 3.11
N SER A 74 -21.54 10.74 2.19
CA SER A 74 -21.89 11.83 1.28
C SER A 74 -22.72 11.33 0.10
N TYR A 75 -22.80 10.00 -0.07
CA TYR A 75 -23.68 9.42 -1.10
C TYR A 75 -24.49 8.22 -0.63
N LEU A 76 -24.31 7.80 0.62
CA LEU A 76 -25.05 6.66 1.18
C LEU A 76 -26.01 7.02 2.30
N ASP A 77 -27.09 6.24 2.40
CA ASP A 77 -28.11 6.42 3.42
C ASP A 77 -28.45 5.10 4.09
N ASN A 78 -29.13 5.18 5.23
CA ASN A 78 -29.73 4.02 5.89
C ASN A 78 -28.76 2.88 6.19
N PHE A 79 -27.73 3.19 6.98
CA PHE A 79 -26.79 2.18 7.45
C PHE A 79 -27.44 1.36 8.55
N ILE A 80 -27.73 0.09 8.25
CA ILE A 80 -28.31 -0.82 9.24
C ILE A 80 -27.50 -2.11 9.28
N LYS A 81 -27.00 -2.47 10.46
CA LYS A 81 -26.23 -3.71 10.64
C LYS A 81 -27.02 -4.93 10.20
N ILE A 82 -26.37 -5.80 9.44
CA ILE A 82 -27.00 -7.04 8.96
C ILE A 82 -26.20 -8.30 9.30
N GLY A 83 -25.22 -8.16 10.17
CA GLY A 83 -24.37 -9.27 10.58
C GLY A 83 -22.98 -8.85 10.96
N GLU A 84 -22.27 -9.70 11.68
CA GLU A 84 -20.91 -9.41 12.10
C GLU A 84 -19.98 -10.59 11.90
N GLY A 85 -18.71 -10.28 11.68
CA GLY A 85 -17.67 -11.30 11.57
C GLY A 85 -16.62 -11.14 12.64
N SER A 86 -15.43 -11.66 12.36
CA SER A 86 -14.30 -11.56 13.28
C SER A 86 -13.58 -10.22 13.18
N THR A 87 -13.52 -9.67 11.97
CA THR A 87 -12.86 -8.39 11.72
C THR A 87 -13.71 -7.21 12.18
N GLY A 88 -14.98 -7.19 11.77
CA GLY A 88 -15.91 -6.14 12.15
C GLY A 88 -17.33 -6.47 11.73
N ILE A 89 -18.16 -5.44 11.61
CA ILE A 89 -19.56 -5.63 11.25
C ILE A 89 -19.83 -5.35 9.78
N VAL A 90 -20.94 -5.89 9.27
CA VAL A 90 -21.41 -5.63 7.91
C VAL A 90 -22.81 -5.02 8.00
N CYS A 91 -23.04 -3.95 7.26
CA CYS A 91 -24.38 -3.39 7.14
C CYS A 91 -24.77 -3.05 5.71
N ILE A 92 -26.07 -3.05 5.43
CA ILE A 92 -26.57 -2.54 4.16
C ILE A 92 -26.71 -1.02 4.21
N ALA A 93 -26.71 -0.41 3.03
CA ALA A 93 -26.93 1.02 2.88
C ALA A 93 -27.52 1.28 1.51
N THR A 94 -28.09 2.46 1.33
CA THR A 94 -28.74 2.83 0.08
C THR A 94 -28.03 4.01 -0.59
N VAL A 95 -27.89 3.91 -1.91
CA VAL A 95 -27.34 5.00 -2.71
C VAL A 95 -28.40 6.11 -2.81
N ARG A 96 -28.04 7.31 -2.37
CA ARG A 96 -28.95 8.46 -2.37
C ARG A 96 -29.77 8.56 -3.65
N SER A 97 -29.07 8.81 -4.76
CA SER A 97 -29.70 9.05 -6.06
C SER A 97 -30.35 7.79 -6.62
N SER A 98 -29.56 6.74 -6.74
CA SER A 98 -29.99 5.47 -7.34
C SER A 98 -31.14 4.82 -6.55
N GLY A 99 -31.02 4.80 -5.23
CA GLY A 99 -31.94 4.05 -4.39
C GLY A 99 -31.51 2.60 -4.28
N LYS A 100 -30.34 2.30 -4.86
CA LYS A 100 -29.82 0.94 -4.91
C LYS A 100 -29.16 0.51 -3.60
N LEU A 101 -29.24 -0.78 -3.31
CA LEU A 101 -28.65 -1.37 -2.12
C LEU A 101 -27.20 -1.76 -2.32
N VAL A 102 -26.37 -1.47 -1.32
CA VAL A 102 -24.99 -1.93 -1.27
C VAL A 102 -24.69 -2.48 0.12
N ALA A 103 -23.56 -3.17 0.26
CA ALA A 103 -23.12 -3.66 1.57
C ALA A 103 -21.86 -2.92 1.98
N VAL A 104 -21.77 -2.61 3.27
CA VAL A 104 -20.61 -1.90 3.80
C VAL A 104 -20.00 -2.69 4.95
N LYS A 105 -18.75 -3.08 4.80
CA LYS A 105 -18.02 -3.71 5.89
C LYS A 105 -17.24 -2.67 6.66
N LYS A 106 -17.47 -2.62 7.97
CA LYS A 106 -16.80 -1.66 8.84
C LYS A 106 -15.85 -2.40 9.77
N MET A 107 -14.58 -1.99 9.77
CA MET A 107 -13.54 -2.64 10.57
C MET A 107 -12.69 -1.65 11.34
N ASP A 108 -12.69 -1.78 12.66
CA ASP A 108 -11.92 -0.90 13.54
C ASP A 108 -10.46 -1.32 13.59
N LEU A 109 -9.58 -0.38 13.25
CA LEU A 109 -8.13 -0.60 13.25
C LEU A 109 -7.62 -1.00 14.63
N ARG A 110 -8.11 -0.34 15.67
CA ARG A 110 -7.67 -0.58 17.04
C ARG A 110 -8.11 -1.94 17.59
N LYS A 111 -9.02 -2.61 16.89
CA LYS A 111 -9.62 -3.84 17.40
C LYS A 111 -9.28 -5.10 16.60
N GLN A 112 -8.12 -5.09 15.95
CA GLN A 112 -7.72 -6.20 15.08
C GLN A 112 -6.72 -7.16 15.71
N GLN A 113 -6.79 -8.42 15.31
CA GLN A 113 -5.82 -9.45 15.67
C GLN A 113 -4.45 -9.09 15.13
N ARG A 114 -4.33 -9.11 13.80
CA ARG A 114 -3.10 -8.71 13.12
C ARG A 114 -3.47 -7.62 12.12
N ARG A 115 -3.24 -6.37 12.53
CA ARG A 115 -3.72 -5.19 11.79
C ARG A 115 -3.40 -5.15 10.30
N GLU A 116 -2.21 -5.64 9.92
CA GLU A 116 -1.76 -5.60 8.53
C GLU A 116 -2.62 -6.44 7.57
N LEU A 117 -3.39 -7.38 8.12
CA LEU A 117 -4.26 -8.21 7.30
C LEU A 117 -5.40 -7.41 6.65
N LEU A 118 -5.62 -6.19 7.13
CA LEU A 118 -6.66 -5.31 6.61
C LEU A 118 -6.37 -4.81 5.18
N PHE A 119 -5.10 -4.86 4.77
CA PHE A 119 -4.73 -4.49 3.41
C PHE A 119 -5.37 -5.42 2.39
N ASN A 120 -5.50 -6.70 2.75
CA ASN A 120 -6.16 -7.69 1.90
C ASN A 120 -7.60 -7.32 1.60
N GLU A 121 -8.30 -6.83 2.62
CA GLU A 121 -9.71 -6.47 2.52
C GLU A 121 -9.96 -5.46 1.39
N VAL A 122 -8.96 -4.62 1.09
CA VAL A 122 -9.05 -3.65 0.00
C VAL A 122 -8.45 -4.21 -1.28
N VAL A 123 -7.20 -4.64 -1.19
CA VAL A 123 -6.38 -4.99 -2.35
C VAL A 123 -6.88 -6.20 -3.15
N ILE A 124 -7.22 -7.28 -2.46
CA ILE A 124 -7.62 -8.52 -3.12
C ILE A 124 -8.83 -8.31 -4.03
N MET A 125 -9.90 -7.72 -3.50
CA MET A 125 -11.11 -7.49 -4.29
C MET A 125 -10.89 -6.49 -5.43
N ARG A 126 -9.98 -5.55 -5.23
CA ARG A 126 -9.65 -4.55 -6.24
C ARG A 126 -8.90 -5.15 -7.42
N ASP A 127 -7.96 -6.03 -7.12
CA ASP A 127 -7.05 -6.58 -8.12
C ASP A 127 -7.56 -7.85 -8.79
N TYR A 128 -8.58 -8.47 -8.22
CA TYR A 128 -9.11 -9.71 -8.76
C TYR A 128 -10.60 -9.63 -9.10
N GLN A 129 -10.92 -8.64 -9.94
CA GLN A 129 -12.20 -8.54 -10.63
C GLN A 129 -12.52 -9.84 -11.33
N HIS A 130 -13.56 -10.53 -10.87
CA HIS A 130 -13.90 -11.86 -11.39
C HIS A 130 -15.35 -12.19 -11.21
N GLU A 131 -15.88 -12.98 -12.15
CA GLU A 131 -17.25 -13.49 -12.15
C GLU A 131 -17.67 -14.11 -10.80
N ASN A 132 -16.74 -14.84 -10.18
CA ASN A 132 -17.01 -15.53 -8.92
C ASN A 132 -16.37 -14.87 -7.70
N VAL A 133 -16.10 -13.56 -7.82
CA VAL A 133 -15.53 -12.78 -6.73
C VAL A 133 -16.43 -11.58 -6.45
N VAL A 134 -16.73 -11.36 -5.16
CA VAL A 134 -17.52 -10.21 -4.73
C VAL A 134 -16.96 -8.90 -5.29
N GLU A 135 -17.83 -8.08 -5.88
CA GLU A 135 -17.43 -6.78 -6.42
C GLU A 135 -17.24 -5.75 -5.34
N MET A 136 -16.06 -5.14 -5.30
CA MET A 136 -15.80 -4.01 -4.42
C MET A 136 -15.95 -2.73 -5.24
N TYR A 137 -16.75 -1.81 -4.74
CA TYR A 137 -16.93 -0.53 -5.41
C TYR A 137 -15.90 0.48 -4.94
N ASN A 138 -15.77 0.63 -3.62
CA ASN A 138 -14.87 1.59 -3.02
C ASN A 138 -14.44 1.18 -1.63
N SER A 139 -13.40 1.85 -1.14
CA SER A 139 -12.92 1.67 0.21
C SER A 139 -12.59 3.04 0.79
N TYR A 140 -13.05 3.30 2.01
CA TYR A 140 -12.83 4.59 2.64
C TYR A 140 -12.30 4.41 4.05
N LEU A 141 -11.69 5.47 4.57
CA LEU A 141 -11.27 5.52 5.94
C LEU A 141 -12.16 6.52 6.66
N VAL A 142 -13.00 6.02 7.57
CA VAL A 142 -13.88 6.89 8.34
C VAL A 142 -13.46 6.84 9.80
N GLY A 143 -12.87 7.93 10.28
CA GLY A 143 -12.30 7.97 11.62
C GLY A 143 -11.28 6.86 11.79
N ASP A 144 -11.51 6.01 12.79
CA ASP A 144 -10.61 4.89 13.06
C ASP A 144 -11.15 3.57 12.52
N GLU A 145 -11.98 3.66 11.48
CA GLU A 145 -12.57 2.49 10.85
C GLU A 145 -12.27 2.45 9.36
N LEU A 146 -12.14 1.24 8.84
CA LEU A 146 -12.04 1.01 7.41
C LEU A 146 -13.41 0.59 6.91
N TRP A 147 -13.90 1.28 5.89
CA TRP A 147 -15.20 0.98 5.29
C TRP A 147 -15.05 0.52 3.88
N VAL A 148 -15.53 -0.69 3.61
CA VAL A 148 -15.46 -1.23 2.26
C VAL A 148 -16.86 -1.28 1.67
N VAL A 149 -17.09 -0.51 0.62
CA VAL A 149 -18.37 -0.52 -0.07
C VAL A 149 -18.35 -1.56 -1.17
N MET A 150 -19.08 -2.65 -0.95
CA MET A 150 -19.12 -3.75 -1.88
C MET A 150 -20.55 -4.10 -2.26
N GLU A 151 -20.72 -4.94 -3.28
CA GLU A 151 -22.05 -5.34 -3.70
C GLU A 151 -22.77 -6.15 -2.63
N PHE A 152 -24.06 -5.87 -2.44
CA PHE A 152 -24.84 -6.61 -1.47
C PHE A 152 -25.27 -7.93 -2.10
N LEU A 153 -24.99 -9.03 -1.42
CA LEU A 153 -25.31 -10.36 -1.94
C LEU A 153 -26.60 -10.93 -1.36
N GLU A 154 -27.67 -10.73 -2.12
CA GLU A 154 -29.06 -11.02 -1.75
C GLU A 154 -29.28 -12.42 -1.17
N GLY A 155 -28.62 -13.42 -1.75
CA GLY A 155 -28.87 -14.82 -1.42
C GLY A 155 -28.28 -15.34 -0.11
N GLY A 156 -27.48 -14.51 0.56
CA GLY A 156 -26.88 -14.89 1.84
C GLY A 156 -25.70 -15.82 1.69
N ALA A 157 -25.26 -16.38 2.82
CA ALA A 157 -24.11 -17.30 2.82
C ALA A 157 -24.56 -18.75 2.58
N LEU A 158 -23.62 -19.58 2.15
CA LEU A 158 -23.86 -20.99 1.90
C LEU A 158 -24.17 -21.76 3.19
N THR A 159 -23.64 -21.28 4.31
CA THR A 159 -23.88 -21.91 5.62
C THR A 159 -25.36 -22.10 5.88
N ASP A 160 -26.15 -21.06 5.60
CA ASP A 160 -27.60 -21.09 5.76
C ASP A 160 -28.25 -22.28 5.06
N ILE A 161 -27.71 -22.65 3.90
CA ILE A 161 -28.25 -23.74 3.10
C ILE A 161 -27.82 -25.12 3.60
N VAL A 162 -26.51 -25.30 3.81
CA VAL A 162 -25.96 -26.61 4.20
C VAL A 162 -26.44 -27.07 5.58
N THR A 163 -26.67 -26.12 6.48
CA THR A 163 -27.13 -26.40 7.85
C THR A 163 -28.59 -26.86 7.90
N HIS A 164 -29.36 -26.53 6.86
CA HIS A 164 -30.79 -26.82 6.85
C HIS A 164 -31.19 -27.94 5.93
N THR A 165 -30.80 -27.84 4.65
CA THR A 165 -31.18 -28.83 3.65
C THR A 165 -30.01 -29.62 3.12
N ARG A 166 -30.32 -30.68 2.37
CA ARG A 166 -29.32 -31.45 1.66
C ARG A 166 -29.33 -31.06 0.19
N MET A 167 -28.18 -30.64 -0.32
CA MET A 167 -28.03 -30.33 -1.73
C MET A 167 -27.84 -31.62 -2.51
N ASN A 168 -28.26 -31.61 -3.77
CA ASN A 168 -27.94 -32.69 -4.68
C ASN A 168 -26.61 -32.42 -5.39
N GLU A 169 -26.10 -33.43 -6.10
CA GLU A 169 -24.79 -33.34 -6.75
C GLU A 169 -24.73 -32.25 -7.83
N GLU A 170 -25.85 -32.05 -8.52
CA GLU A 170 -25.98 -30.98 -9.50
C GLU A 170 -25.65 -29.63 -8.84
N GLN A 171 -26.23 -29.39 -7.68
CA GLN A 171 -26.04 -28.13 -6.94
C GLN A 171 -24.66 -28.04 -6.28
N ILE A 172 -24.17 -29.16 -5.74
CA ILE A 172 -22.84 -29.20 -5.12
C ILE A 172 -21.77 -28.88 -6.14
N ALA A 173 -21.84 -29.54 -7.31
CA ALA A 173 -20.90 -29.32 -8.41
C ALA A 173 -20.88 -27.85 -8.85
N ALA A 174 -22.06 -27.24 -8.94
CA ALA A 174 -22.18 -25.83 -9.31
C ALA A 174 -21.46 -24.89 -8.35
N VAL A 175 -21.50 -25.19 -7.05
CA VAL A 175 -20.77 -24.42 -6.04
C VAL A 175 -19.26 -24.61 -6.23
N CYS A 176 -18.83 -25.86 -6.31
CA CYS A 176 -17.40 -26.19 -6.47
C CYS A 176 -16.78 -25.56 -7.71
N LEU A 177 -17.53 -25.54 -8.81
CA LEU A 177 -17.04 -24.94 -10.04
C LEU A 177 -16.80 -23.45 -9.86
N ALA A 178 -17.75 -22.78 -9.21
CA ALA A 178 -17.65 -21.36 -8.95
C ALA A 178 -16.42 -21.04 -8.10
N VAL A 179 -16.24 -21.80 -7.02
CA VAL A 179 -15.13 -21.58 -6.10
C VAL A 179 -13.79 -21.88 -6.79
N LEU A 180 -13.73 -22.99 -7.53
CA LEU A 180 -12.49 -23.38 -8.18
C LEU A 180 -12.06 -22.43 -9.27
N GLN A 181 -13.04 -21.83 -9.95
CA GLN A 181 -12.76 -20.79 -10.95
C GLN A 181 -12.13 -19.58 -10.26
N ALA A 182 -12.69 -19.20 -9.12
CA ALA A 182 -12.14 -18.10 -8.31
C ALA A 182 -10.73 -18.40 -7.80
N LEU A 183 -10.53 -19.60 -7.27
CA LEU A 183 -9.25 -20.01 -6.69
C LEU A 183 -8.13 -20.18 -7.70
N SER A 184 -8.46 -20.65 -8.91
CA SER A 184 -7.46 -20.84 -9.96
C SER A 184 -6.81 -19.51 -10.34
N VAL A 185 -7.63 -18.46 -10.37
CA VAL A 185 -7.16 -17.10 -10.63
C VAL A 185 -6.27 -16.60 -9.49
N LEU A 186 -6.66 -16.87 -8.25
CA LEU A 186 -5.90 -16.48 -7.06
C LEU A 186 -4.58 -17.24 -6.94
N HIS A 187 -4.63 -18.56 -7.13
CA HIS A 187 -3.44 -19.40 -7.04
C HIS A 187 -2.46 -19.11 -8.15
N ALA A 188 -2.98 -18.71 -9.31
CA ALA A 188 -2.16 -18.31 -10.45
C ALA A 188 -1.24 -17.13 -10.11
N GLN A 189 -1.72 -16.24 -9.23
CA GLN A 189 -0.93 -15.09 -8.79
C GLN A 189 -0.28 -15.35 -7.43
N GLY A 190 -0.24 -16.62 -7.04
CA GLY A 190 0.36 -17.05 -5.78
C GLY A 190 -0.34 -16.53 -4.54
N VAL A 191 -1.65 -16.33 -4.63
CA VAL A 191 -2.45 -15.85 -3.50
C VAL A 191 -3.24 -16.98 -2.89
N ILE A 192 -3.00 -17.22 -1.61
CA ILE A 192 -3.75 -18.21 -0.83
C ILE A 192 -4.87 -17.52 -0.06
N HIS A 193 -6.06 -18.10 -0.08
CA HIS A 193 -7.22 -17.53 0.62
C HIS A 193 -7.15 -17.79 2.10
N ARG A 194 -6.85 -19.04 2.45
CA ARG A 194 -6.62 -19.47 3.86
C ARG A 194 -7.86 -19.55 4.75
N ASP A 195 -9.03 -19.17 4.22
CA ASP A 195 -10.27 -19.25 4.98
C ASP A 195 -11.46 -19.76 4.15
N ILE A 196 -11.26 -20.88 3.46
CA ILE A 196 -12.32 -21.49 2.67
C ILE A 196 -13.27 -22.29 3.56
N LYS A 197 -14.53 -21.88 3.56
CA LYS A 197 -15.63 -22.57 4.25
C LYS A 197 -16.97 -22.02 3.74
N SER A 198 -18.06 -22.71 4.08
CA SER A 198 -19.38 -22.31 3.60
C SER A 198 -19.71 -20.86 3.94
N ASP A 199 -19.18 -20.38 5.05
CA ASP A 199 -19.41 -19.01 5.52
C ASP A 199 -18.79 -17.98 4.59
N SER A 200 -17.80 -18.40 3.81
CA SER A 200 -17.07 -17.50 2.90
C SER A 200 -17.69 -17.44 1.51
N ILE A 201 -18.73 -18.25 1.29
CA ILE A 201 -19.37 -18.34 -0.02
C ILE A 201 -20.73 -17.66 0.03
N LEU A 202 -20.90 -16.63 -0.77
CA LEU A 202 -22.14 -15.86 -0.81
C LEU A 202 -22.89 -16.07 -2.11
N LEU A 203 -24.20 -15.91 -2.08
CA LEU A 203 -25.04 -16.12 -3.26
C LEU A 203 -25.82 -14.90 -3.69
N THR A 204 -26.18 -14.85 -4.96
CA THR A 204 -27.08 -13.82 -5.50
C THR A 204 -28.52 -14.34 -5.46
N HIS A 205 -29.47 -13.45 -5.74
CA HIS A 205 -30.89 -13.81 -5.81
C HIS A 205 -31.17 -14.78 -6.92
N ASP A 206 -30.36 -14.72 -7.97
CA ASP A 206 -30.55 -15.58 -9.15
C ASP A 206 -29.71 -16.86 -9.12
N GLY A 207 -29.02 -17.10 -8.00
CA GLY A 207 -28.33 -18.37 -7.79
C GLY A 207 -26.86 -18.41 -8.19
N ARG A 208 -26.30 -17.26 -8.53
CA ARG A 208 -24.87 -17.17 -8.80
C ARG A 208 -24.07 -17.25 -7.49
N VAL A 209 -22.84 -17.72 -7.59
CA VAL A 209 -22.03 -18.06 -6.42
C VAL A 209 -20.72 -17.26 -6.43
N LYS A 210 -20.46 -16.53 -5.35
CA LYS A 210 -19.26 -15.69 -5.26
C LYS A 210 -18.45 -15.95 -4.00
N LEU A 211 -17.13 -15.82 -4.12
CA LEU A 211 -16.23 -15.99 -2.99
C LEU A 211 -16.00 -14.65 -2.27
N SER A 212 -15.94 -14.71 -0.94
CA SER A 212 -15.75 -13.53 -0.11
C SER A 212 -14.69 -13.79 0.97
N ASP A 213 -14.63 -12.91 1.97
CA ASP A 213 -13.77 -13.08 3.16
C ASP A 213 -12.28 -13.22 2.85
N PHE A 214 -11.74 -12.21 2.16
CA PHE A 214 -10.35 -12.22 1.74
C PHE A 214 -9.39 -11.65 2.78
N GLY A 215 -9.89 -11.39 3.98
CA GLY A 215 -9.08 -10.79 5.04
C GLY A 215 -7.88 -11.61 5.49
N PHE A 216 -7.91 -12.91 5.21
CA PHE A 216 -6.87 -13.83 5.66
C PHE A 216 -5.88 -14.24 4.55
N CYS A 217 -6.04 -13.64 3.38
CA CYS A 217 -5.15 -13.89 2.24
C CYS A 217 -3.67 -13.70 2.56
N ALA A 218 -2.83 -14.48 1.88
CA ALA A 218 -1.39 -14.31 1.91
C ALA A 218 -0.86 -14.53 0.50
N GLN A 219 0.35 -14.06 0.24
CA GLN A 219 0.95 -14.23 -1.07
C GLN A 219 2.31 -14.91 -1.05
N VAL A 220 2.41 -16.00 -1.80
CA VAL A 220 3.68 -16.67 -2.04
C VAL A 220 4.23 -16.21 -3.39
N SER A 221 5.54 -16.31 -3.54
CA SER A 221 6.21 -16.00 -4.80
C SER A 221 7.38 -16.96 -4.99
N LYS A 222 8.24 -16.65 -5.95
CA LYS A 222 9.44 -17.43 -6.19
C LYS A 222 10.49 -17.17 -5.11
N GLU A 223 10.34 -16.05 -4.40
CA GLU A 223 11.25 -15.67 -3.32
C GLU A 223 10.81 -16.32 -2.01
N VAL A 224 9.55 -16.08 -1.63
CA VAL A 224 8.92 -16.73 -0.49
C VAL A 224 7.91 -17.77 -1.00
N PRO A 225 8.34 -19.03 -1.10
CA PRO A 225 7.54 -20.06 -1.74
C PRO A 225 6.40 -20.60 -0.87
N ARG A 226 6.54 -20.43 0.44
CA ARG A 226 5.60 -21.01 1.41
C ARG A 226 5.30 -20.03 2.52
N ARG A 227 4.09 -20.12 3.07
CA ARG A 227 3.72 -19.39 4.26
C ARG A 227 3.86 -20.32 5.47
N LYS A 228 3.90 -19.75 6.67
CA LYS A 228 4.03 -20.56 7.88
C LYS A 228 3.19 -20.06 9.07
N SEP A 229 2.44 -18.98 8.85
CA SEP A 229 1.56 -18.45 9.89
CB SEP A 229 1.09 -17.05 9.54
OG SEP A 229 2.14 -16.34 8.86
C SEP A 229 0.34 -19.34 10.05
O SEP A 229 -0.08 -19.99 9.10
P SEP A 229 1.87 -15.56 7.49
O1P SEP A 229 3.08 -14.66 7.38
O2P SEP A 229 1.81 -16.63 6.44
O3P SEP A 229 0.57 -14.82 7.70
N LEU A 230 -0.21 -19.36 11.26
CA LEU A 230 -1.38 -20.17 11.57
C LEU A 230 -2.67 -19.35 11.49
N VAL A 231 -3.33 -19.38 10.33
CA VAL A 231 -4.62 -18.70 10.17
C VAL A 231 -5.68 -19.62 9.57
N GLY A 232 -6.95 -19.24 9.75
CA GLY A 232 -8.09 -20.02 9.26
C GLY A 232 -8.89 -20.64 10.39
N THR A 233 -10.10 -21.07 10.08
CA THR A 233 -10.97 -21.70 11.08
C THR A 233 -10.59 -23.17 11.31
N PRO A 234 -10.42 -23.56 12.59
CA PRO A 234 -9.92 -24.86 13.06
C PRO A 234 -10.30 -26.09 12.23
N TYR A 235 -11.59 -26.24 11.91
CA TYR A 235 -12.10 -27.46 11.29
C TYR A 235 -11.77 -27.56 9.79
N TRP A 236 -11.62 -26.41 9.15
CA TRP A 236 -11.32 -26.34 7.72
C TRP A 236 -9.83 -26.26 7.44
N MET A 237 -9.03 -26.30 8.50
CA MET A 237 -7.58 -26.20 8.39
C MET A 237 -6.92 -27.47 7.86
N ALA A 238 -5.99 -27.29 6.93
CA ALA A 238 -5.21 -28.40 6.36
C ALA A 238 -4.25 -28.99 7.40
N PRO A 239 -3.94 -30.30 7.28
CA PRO A 239 -3.07 -31.00 8.25
C PRO A 239 -1.65 -30.45 8.33
N GLU A 240 -1.06 -30.13 7.19
CA GLU A 240 0.29 -29.58 7.13
C GLU A 240 0.36 -28.19 7.78
N LEU A 241 -0.73 -27.45 7.67
CA LEU A 241 -0.85 -26.12 8.25
C LEU A 241 -0.93 -26.20 9.77
N ILE A 242 -1.72 -27.14 10.27
CA ILE A 242 -1.86 -27.39 11.71
C ILE A 242 -0.54 -27.85 12.32
N SER A 243 0.23 -28.62 11.57
CA SER A 243 1.55 -29.09 12.01
C SER A 243 2.60 -27.98 12.02
N ARG A 244 2.19 -26.77 11.63
CA ARG A 244 3.07 -25.60 11.52
C ARG A 244 4.24 -25.81 10.56
N LEU A 245 3.96 -26.50 9.46
CA LEU A 245 4.91 -26.72 8.38
C LEU A 245 4.76 -25.61 7.33
N PRO A 246 5.82 -25.32 6.57
CA PRO A 246 5.70 -24.38 5.45
C PRO A 246 4.67 -24.89 4.43
N TYR A 247 3.72 -24.04 4.06
CA TYR A 247 2.61 -24.46 3.21
C TYR A 247 2.38 -23.51 2.04
N GLY A 248 1.75 -24.01 0.99
CA GLY A 248 1.41 -23.20 -0.18
C GLY A 248 -0.09 -23.10 -0.40
N PRO A 249 -0.52 -22.89 -1.65
CA PRO A 249 -1.95 -22.77 -2.00
C PRO A 249 -2.74 -24.07 -1.85
N GLU A 250 -2.03 -25.16 -1.59
CA GLU A 250 -2.65 -26.48 -1.46
C GLU A 250 -3.58 -26.58 -0.25
N VAL A 251 -3.41 -25.67 0.71
CA VAL A 251 -4.25 -25.64 1.91
C VAL A 251 -5.68 -25.22 1.61
N ASP A 252 -5.87 -24.47 0.53
CA ASP A 252 -7.20 -24.06 0.08
C ASP A 252 -7.98 -25.22 -0.50
N ILE A 253 -7.28 -26.07 -1.25
CA ILE A 253 -7.87 -27.27 -1.86
C ILE A 253 -8.39 -28.22 -0.79
N TRP A 254 -7.62 -28.39 0.28
CA TRP A 254 -8.07 -29.17 1.43
C TRP A 254 -9.32 -28.59 2.02
N SER A 255 -9.31 -27.29 2.31
CA SER A 255 -10.45 -26.62 2.91
C SER A 255 -11.72 -26.80 2.09
N LEU A 256 -11.57 -26.70 0.76
CA LEU A 256 -12.68 -26.98 -0.15
C LEU A 256 -13.19 -28.40 0.03
N GLY A 257 -12.27 -29.32 0.28
CA GLY A 257 -12.61 -30.71 0.58
C GLY A 257 -13.49 -30.82 1.80
N ILE A 258 -13.18 -30.03 2.82
CA ILE A 258 -13.98 -29.99 4.04
C ILE A 258 -15.33 -29.34 3.78
N MET A 259 -15.37 -28.38 2.86
CA MET A 259 -16.61 -27.72 2.49
C MET A 259 -17.54 -28.64 1.67
N VAL A 260 -16.97 -29.65 1.02
CA VAL A 260 -17.77 -30.66 0.33
C VAL A 260 -18.46 -31.57 1.36
N ILE A 261 -17.72 -31.96 2.39
CA ILE A 261 -18.30 -32.69 3.51
C ILE A 261 -19.44 -31.88 4.14
N GLU A 262 -19.24 -30.57 4.24
CA GLU A 262 -20.29 -29.66 4.67
C GLU A 262 -21.56 -29.79 3.82
N MET A 263 -21.38 -29.80 2.51
CA MET A 263 -22.50 -29.83 1.57
C MET A 263 -23.19 -31.19 1.54
N VAL A 264 -22.44 -32.25 1.81
CA VAL A 264 -22.98 -33.60 1.82
C VAL A 264 -23.53 -33.98 3.20
N ASP A 265 -22.68 -33.89 4.22
CA ASP A 265 -23.02 -34.33 5.58
C ASP A 265 -23.56 -33.23 6.49
N GLY A 266 -23.44 -31.97 6.08
CA GLY A 266 -24.00 -30.86 6.87
C GLY A 266 -23.05 -30.26 7.90
N GLU A 267 -21.98 -30.97 8.21
CA GLU A 267 -20.98 -30.54 9.18
C GLU A 267 -19.57 -30.80 8.66
N PRO A 268 -18.61 -29.93 9.03
CA PRO A 268 -17.22 -30.34 8.85
C PRO A 268 -16.89 -31.41 9.90
N PRO A 269 -16.00 -32.36 9.56
CA PRO A 269 -15.67 -33.42 10.53
C PRO A 269 -15.23 -32.88 11.89
N TYR A 270 -15.59 -33.59 12.95
CA TYR A 270 -15.26 -33.23 14.34
C TYR A 270 -15.84 -31.88 14.80
N PHE A 271 -16.95 -31.46 14.18
CA PHE A 271 -17.56 -30.16 14.47
C PHE A 271 -18.13 -30.08 15.89
N ASN A 272 -18.55 -31.24 16.41
CA ASN A 272 -19.07 -31.36 17.78
C ASN A 272 -17.98 -31.36 18.85
N GLU A 273 -16.72 -31.47 18.42
CA GLU A 273 -15.57 -31.42 19.33
C GLU A 273 -15.07 -29.99 19.51
N PRO A 274 -14.42 -29.68 20.66
CA PRO A 274 -13.79 -28.38 20.87
C PRO A 274 -12.73 -28.08 19.80
N PRO A 275 -12.61 -26.80 19.39
CA PRO A 275 -11.74 -26.40 18.28
C PRO A 275 -10.30 -26.92 18.39
N LEU A 276 -9.72 -26.83 19.59
CA LEU A 276 -8.34 -27.25 19.84
C LEU A 276 -8.13 -28.74 19.62
N LYS A 277 -9.01 -29.55 20.21
CA LYS A 277 -8.91 -31.00 20.15
C LYS A 277 -9.29 -31.57 18.79
N ALA A 278 -10.06 -30.79 18.03
CA ALA A 278 -10.42 -31.16 16.66
C ALA A 278 -9.21 -31.06 15.74
N MET A 279 -8.41 -30.01 15.91
CA MET A 279 -7.20 -29.80 15.11
C MET A 279 -6.20 -30.93 15.26
N LYS A 280 -6.02 -31.39 16.51
CA LYS A 280 -5.18 -32.55 16.82
C LYS A 280 -5.62 -33.80 16.04
N MET A 281 -6.93 -33.99 15.94
CA MET A 281 -7.50 -35.14 15.23
C MET A 281 -7.28 -35.07 13.72
N ILE A 282 -7.32 -33.85 13.18
CA ILE A 282 -7.04 -33.61 11.76
C ILE A 282 -5.55 -33.84 11.49
N ARG A 283 -4.72 -33.44 12.45
CA ARG A 283 -3.28 -33.57 12.35
C ARG A 283 -2.80 -35.02 12.49
N ASP A 284 -3.56 -35.83 13.21
CA ASP A 284 -3.14 -37.21 13.52
C ASP A 284 -3.78 -38.28 12.63
N ASN A 285 -5.08 -38.16 12.37
CA ASN A 285 -5.84 -39.20 11.67
C ASN A 285 -5.77 -39.12 10.15
N LEU A 286 -6.15 -40.22 9.50
CA LEU A 286 -6.27 -40.30 8.04
C LEU A 286 -7.26 -39.26 7.52
N PRO A 287 -7.16 -38.89 6.21
CA PRO A 287 -8.15 -38.01 5.59
C PRO A 287 -9.58 -38.44 5.94
N PRO A 288 -10.43 -37.48 6.35
CA PRO A 288 -11.81 -37.79 6.73
C PRO A 288 -12.62 -38.27 5.54
N ARG A 289 -13.53 -39.20 5.80
CA ARG A 289 -14.35 -39.83 4.76
C ARG A 289 -15.80 -39.42 4.95
N LEU A 290 -16.60 -39.56 3.89
CA LEU A 290 -18.02 -39.30 3.97
C LEU A 290 -18.71 -40.40 4.77
N LYS A 291 -19.78 -40.04 5.48
CA LYS A 291 -20.45 -40.98 6.38
C LYS A 291 -20.78 -42.31 5.72
N ASN A 292 -21.61 -42.27 4.68
CA ASN A 292 -21.81 -43.44 3.83
C ASN A 292 -21.91 -43.08 2.34
N LEU A 293 -21.13 -43.79 1.55
CA LEU A 293 -20.94 -43.49 0.14
C LEU A 293 -21.93 -44.27 -0.73
N HIS A 294 -22.95 -44.82 -0.08
CA HIS A 294 -24.01 -45.60 -0.73
C HIS A 294 -24.71 -44.79 -1.79
N LYS A 295 -25.01 -43.53 -1.48
CA LYS A 295 -25.75 -42.67 -2.39
C LYS A 295 -24.88 -41.64 -3.12
N VAL A 296 -23.59 -41.61 -2.81
CA VAL A 296 -22.65 -40.72 -3.49
C VAL A 296 -22.15 -41.38 -4.77
N SER A 297 -22.26 -40.66 -5.89
CA SER A 297 -21.76 -41.16 -7.17
C SER A 297 -20.24 -41.20 -7.15
N PRO A 298 -19.63 -42.16 -7.89
CA PRO A 298 -18.17 -42.29 -7.90
C PRO A 298 -17.47 -41.07 -8.48
N SER A 299 -18.21 -40.27 -9.24
CA SER A 299 -17.71 -39.01 -9.79
C SER A 299 -17.33 -38.06 -8.65
N LEU A 300 -18.25 -37.86 -7.71
CA LEU A 300 -18.01 -37.02 -6.54
C LEU A 300 -16.95 -37.65 -5.64
N LYS A 301 -17.13 -38.93 -5.34
CA LYS A 301 -16.19 -39.68 -4.50
C LYS A 301 -14.74 -39.50 -4.99
N GLY A 302 -14.50 -39.81 -6.26
CA GLY A 302 -13.19 -39.67 -6.88
C GLY A 302 -12.68 -38.24 -6.89
N PHE A 303 -13.62 -37.30 -6.98
CA PHE A 303 -13.33 -35.86 -6.93
C PHE A 303 -12.86 -35.44 -5.54
N LEU A 304 -13.59 -35.89 -4.52
CA LEU A 304 -13.24 -35.59 -3.13
C LEU A 304 -11.93 -36.23 -2.72
N ASP A 305 -11.61 -37.38 -3.30
CA ASP A 305 -10.36 -38.08 -3.04
C ASP A 305 -9.14 -37.34 -3.56
N ARG A 306 -9.35 -36.42 -4.49
CA ARG A 306 -8.28 -35.57 -5.00
C ARG A 306 -8.11 -34.32 -4.13
N LEU A 307 -9.18 -33.96 -3.41
CA LEU A 307 -9.16 -32.79 -2.53
C LEU A 307 -8.53 -33.12 -1.20
N LEU A 308 -9.03 -34.17 -0.55
CA LEU A 308 -8.58 -34.51 0.80
C LEU A 308 -7.39 -35.47 0.80
N VAL A 309 -6.33 -35.09 0.09
CA VAL A 309 -5.07 -35.84 0.11
C VAL A 309 -4.18 -35.26 1.21
N ARG A 310 -3.64 -36.15 2.03
CA ARG A 310 -2.85 -35.75 3.19
C ARG A 310 -1.53 -35.07 2.81
N ASP A 311 -0.79 -35.70 1.90
CA ASP A 311 0.42 -35.11 1.34
C ASP A 311 0.04 -33.97 0.37
N PRO A 312 0.50 -32.74 0.66
CA PRO A 312 0.21 -31.58 -0.20
C PRO A 312 0.67 -31.76 -1.64
N ALA A 313 1.78 -32.46 -1.83
CA ALA A 313 2.35 -32.69 -3.15
C ALA A 313 1.48 -33.57 -4.05
N GLN A 314 0.76 -34.51 -3.43
CA GLN A 314 -0.13 -35.42 -4.18
C GLN A 314 -1.52 -34.82 -4.37
N ARG A 315 -1.84 -33.81 -3.57
CA ARG A 315 -3.11 -33.11 -3.64
C ARG A 315 -3.24 -32.36 -4.96
N ALA A 316 -4.45 -32.34 -5.52
CA ALA A 316 -4.70 -31.70 -6.81
C ALA A 316 -4.67 -30.17 -6.69
N THR A 317 -4.48 -29.51 -7.83
CA THR A 317 -4.48 -28.06 -7.89
C THR A 317 -5.77 -27.59 -8.55
N ALA A 318 -6.14 -26.33 -8.29
CA ALA A 318 -7.36 -25.74 -8.86
C ALA A 318 -7.39 -25.86 -10.38
N ALA A 319 -6.25 -25.61 -11.03
CA ALA A 319 -6.13 -25.74 -12.47
C ALA A 319 -6.50 -27.15 -12.95
N GLU A 320 -5.96 -28.17 -12.27
CA GLU A 320 -6.24 -29.57 -12.57
C GLU A 320 -7.70 -29.91 -12.31
N LEU A 321 -8.20 -29.53 -11.14
CA LEU A 321 -9.57 -29.86 -10.72
C LEU A 321 -10.64 -29.25 -11.61
N LEU A 322 -10.33 -28.13 -12.26
CA LEU A 322 -11.28 -27.48 -13.15
C LEU A 322 -11.68 -28.36 -14.33
N LYS A 323 -10.90 -29.43 -14.54
CA LYS A 323 -11.15 -30.35 -15.63
C LYS A 323 -11.69 -31.70 -15.17
N HIS A 324 -11.99 -31.82 -13.89
CA HIS A 324 -12.51 -33.06 -13.33
C HIS A 324 -13.91 -33.34 -13.80
N PRO A 325 -14.16 -34.57 -14.31
CA PRO A 325 -15.48 -34.95 -14.84
C PRO A 325 -16.66 -34.54 -13.97
N PHE A 326 -16.44 -34.46 -12.66
CA PHE A 326 -17.51 -34.16 -11.71
C PHE A 326 -18.11 -32.78 -11.92
N LEU A 327 -17.28 -31.81 -12.26
CA LEU A 327 -17.72 -30.42 -12.40
C LEU A 327 -18.61 -30.21 -13.63
N ALA A 328 -18.66 -31.20 -14.52
CA ALA A 328 -19.54 -31.14 -15.69
C ALA A 328 -20.99 -31.39 -15.31
N LYS A 329 -21.20 -31.89 -14.09
CA LYS A 329 -22.54 -32.10 -13.53
C LYS A 329 -23.18 -30.80 -13.07
N ALA A 330 -22.35 -29.76 -12.93
CA ALA A 330 -22.79 -28.46 -12.42
C ALA A 330 -24.02 -27.89 -13.15
N GLY A 331 -25.06 -27.61 -12.38
CA GLY A 331 -26.30 -27.08 -12.93
C GLY A 331 -26.23 -25.59 -13.10
N PRO A 332 -27.23 -25.01 -13.80
CA PRO A 332 -27.33 -23.55 -13.96
C PRO A 332 -27.56 -22.85 -12.62
N PRO A 333 -27.31 -21.53 -12.54
CA PRO A 333 -27.61 -20.80 -11.31
C PRO A 333 -29.04 -21.02 -10.83
N ALA A 334 -29.97 -21.19 -11.78
CA ALA A 334 -31.39 -21.42 -11.47
C ALA A 334 -31.65 -22.65 -10.61
N SER A 335 -30.77 -23.65 -10.68
CA SER A 335 -30.95 -24.89 -9.91
C SER A 335 -30.59 -24.70 -8.44
N ILE A 336 -29.98 -23.56 -8.12
CA ILE A 336 -29.57 -23.25 -6.76
C ILE A 336 -30.63 -22.40 -6.04
N VAL A 337 -31.46 -21.71 -6.82
CA VAL A 337 -32.52 -20.86 -6.28
C VAL A 337 -33.50 -21.56 -5.32
N PRO A 338 -33.91 -22.81 -5.62
CA PRO A 338 -34.77 -23.53 -4.68
C PRO A 338 -34.18 -23.70 -3.27
N LEU A 339 -32.85 -23.73 -3.18
CA LEU A 339 -32.17 -23.98 -1.90
C LEU A 339 -32.15 -22.78 -0.95
N MET A 340 -32.43 -21.59 -1.48
CA MET A 340 -32.34 -20.37 -0.70
C MET A 340 -33.52 -20.16 0.25
N ARG A 341 -33.27 -19.42 1.34
CA ARG A 341 -34.22 -19.22 2.43
C ARG A 341 -35.64 -18.96 1.97
N GLN A 342 -35.81 -17.95 1.12
CA GLN A 342 -37.12 -17.55 0.63
C GLN A 342 -37.94 -18.69 -0.01
N ASN A 343 -37.26 -19.66 -0.60
CA ASN A 343 -37.93 -20.72 -1.35
C ASN A 343 -38.02 -22.05 -0.60
N ARG A 344 -38.16 -21.96 0.72
CA ARG A 344 -38.24 -23.14 1.59
C ARG A 344 -39.45 -23.08 2.53
N THR A 345 -40.22 -24.17 2.56
CA THR A 345 -41.36 -24.30 3.46
C THR A 345 -41.41 -25.70 4.08
N ARG B 53 21.89 -4.25 -25.24
CA ARG B 53 22.59 -2.93 -25.20
C ARG B 53 23.77 -2.93 -24.25
N VAL B 54 24.96 -2.66 -24.80
CA VAL B 54 26.20 -2.54 -24.02
C VAL B 54 26.03 -1.55 -22.86
N SER B 55 25.26 -0.49 -23.11
CA SER B 55 24.99 0.53 -22.11
C SER B 55 24.19 0.00 -20.92
N HIS B 56 23.09 -0.69 -21.21
CA HIS B 56 22.20 -1.20 -20.16
C HIS B 56 22.85 -2.25 -19.31
N GLU B 57 23.47 -3.23 -19.98
CA GLU B 57 24.12 -4.35 -19.29
C GLU B 57 25.23 -3.89 -18.36
N GLN B 58 26.08 -3.00 -18.85
CA GLN B 58 27.17 -2.45 -18.07
C GLN B 58 26.65 -1.69 -16.85
N PHE B 59 25.60 -0.89 -17.05
CA PHE B 59 25.02 -0.11 -15.95
C PHE B 59 24.33 -0.99 -14.92
N ARG B 60 23.67 -2.04 -15.38
CA ARG B 60 23.00 -2.96 -14.46
C ARG B 60 24.03 -3.67 -13.60
N ALA B 61 25.10 -4.14 -14.25
CA ALA B 61 26.19 -4.84 -13.58
C ALA B 61 26.86 -3.98 -12.51
N ALA B 62 27.08 -2.70 -12.84
CA ALA B 62 27.65 -1.76 -11.90
C ALA B 62 26.75 -1.59 -10.69
N LEU B 63 25.49 -1.26 -10.96
CA LEU B 63 24.51 -1.05 -9.91
C LEU B 63 24.34 -2.28 -9.02
N GLN B 64 24.49 -3.47 -9.63
CA GLN B 64 24.46 -4.73 -8.89
C GLN B 64 25.47 -4.75 -7.75
N LEU B 65 26.67 -4.25 -8.03
CA LEU B 65 27.77 -4.24 -7.05
C LEU B 65 27.57 -3.19 -5.95
N VAL B 66 26.93 -2.08 -6.30
CA VAL B 66 26.63 -1.04 -5.33
C VAL B 66 25.59 -1.52 -4.31
N VAL B 67 24.47 -2.05 -4.79
CA VAL B 67 23.34 -2.44 -3.94
C VAL B 67 23.63 -3.67 -3.09
N ASP B 68 22.76 -3.93 -2.11
CA ASP B 68 22.83 -5.13 -1.28
C ASP B 68 22.39 -6.33 -2.10
N PRO B 69 22.93 -7.53 -1.79
CA PRO B 69 22.52 -8.71 -2.55
C PRO B 69 21.13 -9.21 -2.17
N GLY B 70 20.47 -9.90 -3.09
CA GLY B 70 19.22 -10.59 -2.82
C GLY B 70 17.96 -9.86 -3.26
N ASP B 71 16.84 -10.34 -2.74
CA ASP B 71 15.51 -9.82 -3.05
C ASP B 71 14.74 -9.58 -1.75
N PRO B 72 14.22 -8.35 -1.55
CA PRO B 72 13.57 -7.97 -0.30
C PRO B 72 12.23 -8.67 -0.06
N ARG B 73 11.69 -9.30 -1.10
CA ARG B 73 10.42 -10.03 -0.99
C ARG B 73 10.56 -11.27 -0.12
N SER B 74 11.79 -11.61 0.24
CA SER B 74 12.08 -12.70 1.16
C SER B 74 11.83 -12.29 2.61
N TYR B 75 11.56 -11.00 2.84
CA TYR B 75 11.19 -10.52 4.17
C TYR B 75 10.13 -9.42 4.20
N LEU B 76 9.59 -9.08 3.02
CA LEU B 76 8.56 -8.05 2.91
C LEU B 76 7.24 -8.54 2.31
N ASP B 77 6.14 -7.97 2.79
CA ASP B 77 4.79 -8.32 2.35
C ASP B 77 4.01 -7.10 1.88
N ASN B 78 2.91 -7.34 1.16
CA ASN B 78 1.88 -6.34 0.87
C ASN B 78 2.39 -5.09 0.15
N PHE B 79 3.12 -5.30 -0.94
CA PHE B 79 3.59 -4.20 -1.77
C PHE B 79 2.39 -3.51 -2.44
N ILE B 80 2.08 -2.33 -1.94
CA ILE B 80 0.96 -1.54 -2.47
C ILE B 80 1.47 -0.14 -2.82
N LYS B 81 1.18 0.27 -4.05
CA LYS B 81 1.54 1.60 -4.55
C LYS B 81 0.86 2.72 -3.75
N ILE B 82 1.63 3.73 -3.36
CA ILE B 82 1.10 4.86 -2.60
C ILE B 82 1.48 6.23 -3.19
N GLY B 83 1.92 6.23 -4.44
CA GLY B 83 2.35 7.46 -5.11
C GLY B 83 3.42 7.19 -6.14
N GLU B 84 3.66 8.17 -7.01
CA GLU B 84 4.66 8.06 -8.05
C GLU B 84 5.35 9.39 -8.31
N GLY B 85 6.63 9.31 -8.70
CA GLY B 85 7.39 10.49 -9.04
C GLY B 85 7.87 10.44 -10.48
N SER B 86 8.98 11.12 -10.75
CA SER B 86 9.57 11.17 -12.09
C SER B 86 10.42 9.94 -12.39
N THR B 87 11.14 9.45 -11.37
CA THR B 87 12.02 8.29 -11.51
C THR B 87 11.26 6.97 -11.49
N GLY B 88 10.18 6.93 -10.72
CA GLY B 88 9.37 5.72 -10.62
C GLY B 88 8.33 5.81 -9.53
N ILE B 89 7.84 4.65 -9.07
CA ILE B 89 6.75 4.60 -8.09
C ILE B 89 7.25 4.35 -6.66
N VAL B 90 6.40 4.65 -5.68
CA VAL B 90 6.68 4.41 -4.26
C VAL B 90 5.59 3.52 -3.66
N CYS B 91 6.00 2.47 -2.97
CA CYS B 91 5.10 1.52 -2.32
C CYS B 91 5.28 1.49 -0.82
N ILE B 92 4.21 1.15 -0.10
CA ILE B 92 4.37 0.69 1.27
C ILE B 92 4.50 -0.82 1.26
N ALA B 93 5.12 -1.37 2.29
CA ALA B 93 5.26 -2.80 2.46
C ALA B 93 5.44 -3.11 3.93
N THR B 94 5.09 -4.34 4.33
CA THR B 94 5.20 -4.74 5.71
C THR B 94 6.32 -5.76 5.92
N VAL B 95 7.10 -5.54 6.98
CA VAL B 95 8.11 -6.50 7.41
C VAL B 95 7.38 -7.72 7.98
N ARG B 96 7.55 -8.87 7.33
CA ARG B 96 6.81 -10.08 7.67
C ARG B 96 6.82 -10.40 9.17
N SER B 97 8.01 -10.37 9.79
CA SER B 97 8.16 -10.73 11.20
C SER B 97 7.55 -9.69 12.16
N SER B 98 8.07 -8.46 12.12
CA SER B 98 7.66 -7.42 13.06
C SER B 98 6.29 -6.80 12.73
N GLY B 99 5.93 -6.79 11.46
CA GLY B 99 4.70 -6.12 11.01
C GLY B 99 4.91 -4.63 10.79
N LYS B 100 6.18 -4.20 10.82
CA LYS B 100 6.55 -2.80 10.65
C LYS B 100 6.31 -2.33 9.21
N LEU B 101 5.83 -1.10 9.07
CA LEU B 101 5.63 -0.46 7.77
C LEU B 101 6.92 0.18 7.27
N VAL B 102 7.26 -0.11 6.02
CA VAL B 102 8.38 0.54 5.34
C VAL B 102 7.91 1.06 3.98
N ALA B 103 8.70 1.95 3.39
CA ALA B 103 8.42 2.46 2.05
C ALA B 103 9.43 1.91 1.07
N VAL B 104 8.99 1.62 -0.15
CA VAL B 104 9.88 1.11 -1.18
C VAL B 104 9.78 1.94 -2.45
N LYS B 105 10.90 2.51 -2.88
CA LYS B 105 10.96 3.24 -4.14
C LYS B 105 11.43 2.27 -5.22
N LYS B 106 10.62 2.12 -6.26
CA LYS B 106 10.94 1.23 -7.36
C LYS B 106 11.22 2.05 -8.62
N MET B 107 12.40 1.84 -9.21
CA MET B 107 12.83 2.62 -10.37
C MET B 107 13.36 1.75 -11.49
N ASP B 108 12.73 1.84 -12.66
CA ASP B 108 13.12 1.04 -13.83
C ASP B 108 14.35 1.64 -14.51
N LEU B 109 15.38 0.82 -14.66
CA LEU B 109 16.63 1.22 -15.29
C LEU B 109 16.42 1.65 -16.74
N ARG B 110 15.57 0.91 -17.45
CA ARG B 110 15.28 1.17 -18.86
C ARG B 110 14.48 2.45 -19.09
N LYS B 111 13.92 3.01 -18.01
CA LYS B 111 12.96 4.12 -18.13
C LYS B 111 13.49 5.48 -17.66
N GLN B 112 14.82 5.61 -17.52
CA GLN B 112 15.40 6.82 -16.95
C GLN B 112 15.86 7.86 -17.97
N GLN B 113 15.68 9.14 -17.62
CA GLN B 113 16.19 10.28 -18.37
C GLN B 113 17.70 10.18 -18.49
N ARG B 114 18.37 10.10 -17.35
CA ARG B 114 19.82 9.96 -17.27
C ARG B 114 20.15 8.88 -16.25
N ARG B 115 20.50 7.70 -16.75
CA ARG B 115 20.78 6.52 -15.92
C ARG B 115 21.65 6.77 -14.69
N GLU B 116 22.76 7.49 -14.89
CA GLU B 116 23.77 7.71 -13.85
C GLU B 116 23.18 8.23 -12.55
N LEU B 117 22.15 9.07 -12.65
CA LEU B 117 21.57 9.72 -11.50
C LEU B 117 20.98 8.75 -10.48
N LEU B 118 20.78 7.50 -10.90
CA LEU B 118 20.24 6.46 -10.02
C LEU B 118 21.21 6.06 -8.90
N PHE B 119 22.49 6.33 -9.09
CA PHE B 119 23.49 6.05 -8.05
C PHE B 119 23.23 6.87 -6.80
N ASN B 120 22.84 8.13 -6.98
CA ASN B 120 22.50 9.02 -5.86
C ASN B 120 21.41 8.44 -4.97
N GLU B 121 20.43 7.80 -5.59
CA GLU B 121 19.30 7.21 -4.88
C GLU B 121 19.74 6.22 -3.80
N VAL B 122 20.89 5.59 -4.01
CA VAL B 122 21.46 4.68 -3.01
C VAL B 122 22.48 5.41 -2.14
N VAL B 123 23.52 5.91 -2.81
CA VAL B 123 24.72 6.43 -2.17
C VAL B 123 24.47 7.58 -1.17
N ILE B 124 23.67 8.55 -1.58
CA ILE B 124 23.44 9.73 -0.75
C ILE B 124 22.86 9.38 0.63
N MET B 125 21.71 8.71 0.65
CA MET B 125 21.07 8.33 1.90
C MET B 125 21.92 7.37 2.74
N ARG B 126 22.75 6.57 2.08
CA ARG B 126 23.65 5.65 2.76
C ARG B 126 24.75 6.40 3.48
N ASP B 127 25.30 7.43 2.83
CA ASP B 127 26.48 8.14 3.31
C ASP B 127 26.17 9.33 4.21
N TYR B 128 24.94 9.83 4.15
CA TYR B 128 24.57 11.02 4.90
C TYR B 128 23.40 10.80 5.85
N GLN B 129 23.61 9.91 6.82
CA GLN B 129 22.60 9.65 7.86
C GLN B 129 22.51 10.83 8.82
N HIS B 130 21.29 11.33 9.02
CA HIS B 130 21.06 12.59 9.73
C HIS B 130 19.64 12.70 10.20
N GLU B 131 19.44 13.42 11.31
CA GLU B 131 18.11 13.75 11.84
C GLU B 131 17.10 14.12 10.76
N ASN B 132 17.53 14.95 9.82
CA ASN B 132 16.64 15.55 8.85
C ASN B 132 16.82 14.98 7.45
N VAL B 133 17.37 13.77 7.39
CA VAL B 133 17.52 13.04 6.13
C VAL B 133 16.78 11.71 6.27
N VAL B 134 15.92 11.41 5.30
CA VAL B 134 15.21 10.13 5.23
C VAL B 134 16.17 8.97 5.41
N GLU B 135 15.74 7.98 6.20
CA GLU B 135 16.57 6.85 6.57
C GLU B 135 16.41 5.69 5.58
N MET B 136 17.50 5.31 4.93
CA MET B 136 17.51 4.17 4.04
C MET B 136 17.94 2.94 4.81
N TYR B 137 17.23 1.84 4.61
CA TYR B 137 17.59 0.58 5.23
C TYR B 137 18.45 -0.25 4.29
N ASN B 138 17.98 -0.43 3.07
CA ASN B 138 18.65 -1.26 2.09
C ASN B 138 18.32 -0.86 0.66
N SER B 139 19.13 -1.33 -0.27
CA SER B 139 18.89 -1.16 -1.68
C SER B 139 19.10 -2.49 -2.39
N TYR B 140 18.16 -2.84 -3.25
CA TYR B 140 18.21 -4.11 -3.96
C TYR B 140 18.03 -3.91 -5.45
N LEU B 141 18.52 -4.87 -6.22
CA LEU B 141 18.33 -4.89 -7.65
C LEU B 141 17.37 -6.04 -7.92
N VAL B 142 16.16 -5.70 -8.33
CA VAL B 142 15.14 -6.70 -8.62
C VAL B 142 14.77 -6.65 -10.10
N GLY B 143 15.11 -7.70 -10.83
CA GLY B 143 14.92 -7.73 -12.27
C GLY B 143 15.64 -6.55 -12.92
N ASP B 144 14.88 -5.69 -13.59
CA ASP B 144 15.44 -4.51 -14.23
C ASP B 144 15.08 -3.24 -13.46
N GLU B 145 14.83 -3.40 -12.17
CA GLU B 145 14.44 -2.29 -11.31
C GLU B 145 15.32 -2.17 -10.08
N LEU B 146 15.55 -0.94 -9.66
CA LEU B 146 16.21 -0.63 -8.41
C LEU B 146 15.15 -0.45 -7.34
N TRP B 147 15.33 -1.13 -6.21
CA TRP B 147 14.40 -1.05 -5.09
C TRP B 147 15.10 -0.53 -3.87
N VAL B 148 14.67 0.63 -3.39
CA VAL B 148 15.26 1.22 -2.21
C VAL B 148 14.29 1.07 -1.04
N VAL B 149 14.68 0.32 -0.03
CA VAL B 149 13.86 0.15 1.17
C VAL B 149 14.23 1.22 2.19
N MET B 150 13.29 2.11 2.45
CA MET B 150 13.52 3.24 3.34
C MET B 150 12.37 3.39 4.34
N GLU B 151 12.56 4.25 5.34
CA GLU B 151 11.52 4.48 6.35
C GLU B 151 10.28 5.09 5.73
N PHE B 152 9.12 4.61 6.18
CA PHE B 152 7.86 5.17 5.71
C PHE B 152 7.57 6.43 6.50
N LEU B 153 7.32 7.53 5.80
CA LEU B 153 7.06 8.81 6.45
C LEU B 153 5.57 9.12 6.51
N GLU B 154 5.02 8.90 7.70
CA GLU B 154 3.59 8.94 7.98
C GLU B 154 2.93 10.28 7.65
N GLY B 155 3.67 11.37 7.84
CA GLY B 155 3.12 12.72 7.72
C GLY B 155 2.90 13.26 6.32
N GLY B 156 3.44 12.56 5.32
CA GLY B 156 3.30 12.98 3.92
C GLY B 156 4.22 14.13 3.56
N ALA B 157 4.07 14.62 2.33
CA ALA B 157 4.89 15.72 1.81
C ALA B 157 4.39 17.07 2.31
N LEU B 158 5.29 18.06 2.30
CA LEU B 158 4.97 19.41 2.73
C LEU B 158 3.98 20.08 1.76
N THR B 159 4.04 19.69 0.48
CA THR B 159 3.09 20.18 -0.51
C THR B 159 1.65 20.10 -0.03
N ASP B 160 1.27 18.95 0.52
CA ASP B 160 -0.08 18.71 1.04
C ASP B 160 -0.53 19.82 2.01
N ILE B 161 0.42 20.32 2.79
CA ILE B 161 0.13 21.36 3.79
C ILE B 161 0.07 22.75 3.18
N VAL B 162 1.08 23.11 2.39
CA VAL B 162 1.18 24.46 1.83
C VAL B 162 0.03 24.80 0.87
N THR B 163 -0.41 23.79 0.11
CA THR B 163 -1.49 23.96 -0.87
C THR B 163 -2.85 24.17 -0.21
N HIS B 164 -3.00 23.72 1.03
CA HIS B 164 -4.27 23.79 1.75
C HIS B 164 -4.35 24.88 2.78
N THR B 165 -3.47 24.83 3.78
CA THR B 165 -3.51 25.78 4.90
C THR B 165 -2.40 26.83 4.86
N ARG B 166 -2.49 27.80 5.76
CA ARG B 166 -1.50 28.85 5.89
C ARG B 166 -0.71 28.60 7.19
N MET B 167 0.61 28.51 7.07
CA MET B 167 1.47 28.24 8.22
C MET B 167 1.86 29.54 8.91
N ASN B 168 1.99 29.49 10.24
CA ASN B 168 2.55 30.61 10.99
C ASN B 168 4.07 30.54 10.99
N GLU B 169 4.70 31.64 11.38
CA GLU B 169 6.16 31.76 11.31
C GLU B 169 6.89 30.75 12.18
N GLU B 170 6.31 30.45 13.34
CA GLU B 170 6.81 29.40 14.23
C GLU B 170 7.01 28.09 13.47
N GLN B 171 6.00 27.69 12.71
CA GLN B 171 6.03 26.45 11.93
C GLN B 171 6.95 26.56 10.72
N ILE B 172 6.91 27.69 10.03
CA ILE B 172 7.76 27.93 8.87
C ILE B 172 9.24 27.84 9.26
N ALA B 173 9.61 28.50 10.35
CA ALA B 173 10.97 28.46 10.87
C ALA B 173 11.43 27.03 11.16
N ALA B 174 10.53 26.22 11.74
CA ALA B 174 10.82 24.82 12.06
C ALA B 174 11.19 24.00 10.82
N VAL B 175 10.45 24.20 9.73
CA VAL B 175 10.74 23.56 8.45
C VAL B 175 12.12 24.00 7.94
N CYS B 176 12.35 25.30 7.87
CA CYS B 176 13.62 25.86 7.39
C CYS B 176 14.82 25.41 8.20
N LEU B 177 14.68 25.31 9.51
CA LEU B 177 15.76 24.85 10.36
C LEU B 177 16.13 23.42 10.03
N ALA B 178 15.11 22.58 9.86
CA ALA B 178 15.30 21.18 9.54
C ALA B 178 15.99 21.00 8.18
N VAL B 179 15.55 21.77 7.19
CA VAL B 179 16.14 21.68 5.85
C VAL B 179 17.57 22.22 5.83
N LEU B 180 17.80 23.34 6.50
CA LEU B 180 19.13 23.95 6.51
C LEU B 180 20.16 23.08 7.21
N GLN B 181 19.74 22.40 8.28
CA GLN B 181 20.61 21.45 8.97
C GLN B 181 21.05 20.32 8.03
N ALA B 182 20.10 19.81 7.25
CA ALA B 182 20.39 18.76 6.26
C ALA B 182 21.33 19.26 5.17
N LEU B 183 21.03 20.43 4.61
CA LEU B 183 21.82 21.03 3.54
C LEU B 183 23.25 21.41 3.92
N SER B 184 23.43 21.87 5.15
CA SER B 184 24.75 22.28 5.65
C SER B 184 25.71 21.09 5.71
N VAL B 185 25.16 19.93 6.08
CA VAL B 185 25.92 18.68 6.09
C VAL B 185 26.25 18.23 4.67
N LEU B 186 25.28 18.40 3.76
CA LEU B 186 25.47 18.07 2.35
C LEU B 186 26.45 19.01 1.65
N HIS B 187 26.28 20.32 1.84
CA HIS B 187 27.16 21.31 1.24
C HIS B 187 28.56 21.26 1.80
N ALA B 188 28.68 20.78 3.04
CA ALA B 188 29.98 20.56 3.66
C ALA B 188 30.83 19.59 2.84
N GLN B 189 30.17 18.62 2.21
CA GLN B 189 30.83 17.60 1.38
C GLN B 189 30.71 17.90 -0.11
N GLY B 190 30.33 19.14 -0.42
CA GLY B 190 30.17 19.59 -1.79
C GLY B 190 29.05 18.91 -2.57
N VAL B 191 28.01 18.48 -1.86
CA VAL B 191 26.86 17.85 -2.49
C VAL B 191 25.73 18.85 -2.64
N ILE B 192 25.31 19.08 -3.88
CA ILE B 192 24.20 20.00 -4.19
C ILE B 192 22.95 19.18 -4.45
N HIS B 193 21.88 19.47 -3.71
CA HIS B 193 20.60 18.74 -3.85
C HIS B 193 19.95 18.91 -5.20
N ARG B 194 19.85 20.16 -5.65
CA ARG B 194 19.33 20.49 -6.99
C ARG B 194 17.82 20.34 -7.20
N ASP B 195 17.12 19.84 -6.18
CA ASP B 195 15.66 19.67 -6.25
C ASP B 195 14.96 20.02 -4.92
N ILE B 196 15.29 21.19 -4.38
CA ILE B 196 14.64 21.65 -3.15
C ILE B 196 13.29 22.27 -3.47
N LYS B 197 12.23 21.65 -2.93
CA LYS B 197 10.87 22.15 -3.03
C LYS B 197 9.99 21.41 -2.02
N SER B 198 8.79 21.93 -1.77
CA SER B 198 7.89 21.35 -0.76
C SER B 198 7.62 19.87 -0.98
N ASP B 199 7.65 19.43 -2.24
CA ASP B 199 7.45 18.04 -2.60
C ASP B 199 8.55 17.14 -2.04
N SER B 200 9.75 17.71 -1.89
CA SER B 200 10.93 16.96 -1.44
C SER B 200 11.04 16.90 0.08
N ILE B 201 10.10 17.54 0.78
CA ILE B 201 10.13 17.60 2.23
C ILE B 201 9.01 16.73 2.79
N LEU B 202 9.40 15.70 3.54
CA LEU B 202 8.44 14.75 4.11
C LEU B 202 8.40 14.90 5.62
N LEU B 203 7.31 14.43 6.23
CA LEU B 203 7.11 14.56 7.68
C LEU B 203 6.79 13.26 8.38
N THR B 204 7.03 13.22 9.69
CA THR B 204 6.60 12.10 10.53
C THR B 204 5.26 12.44 11.17
N HIS B 205 4.67 11.45 11.85
CA HIS B 205 3.41 11.63 12.58
C HIS B 205 3.57 12.58 13.74
N ASP B 206 4.77 12.62 14.32
CA ASP B 206 5.06 13.48 15.47
C ASP B 206 5.54 14.88 15.06
N GLY B 207 5.57 15.15 13.76
CA GLY B 207 5.87 16.50 13.26
C GLY B 207 7.34 16.79 13.00
N ARG B 208 8.17 15.75 12.94
CA ARG B 208 9.56 15.91 12.55
C ARG B 208 9.65 16.05 11.04
N VAL B 209 10.71 16.71 10.56
CA VAL B 209 10.83 17.08 9.15
C VAL B 209 12.09 16.45 8.55
N LYS B 210 11.96 15.83 7.38
CA LYS B 210 13.09 15.19 6.69
C LYS B 210 13.14 15.54 5.20
N LEU B 211 14.35 15.55 4.65
CA LEU B 211 14.60 15.84 3.23
C LEU B 211 14.74 14.52 2.48
N SER B 212 14.27 14.45 1.23
CA SER B 212 14.11 13.15 0.56
C SER B 212 14.55 12.97 -0.90
N ASP B 213 14.31 13.93 -1.77
CA ASP B 213 14.50 13.68 -3.21
C ASP B 213 15.94 13.81 -3.71
N PHE B 214 16.78 12.85 -3.31
CA PHE B 214 18.21 12.90 -3.61
C PHE B 214 18.59 12.30 -4.97
N GLY B 215 17.60 12.07 -5.82
CA GLY B 215 17.86 11.50 -7.15
C GLY B 215 18.64 12.42 -8.07
N PHE B 216 18.56 13.73 -7.80
CA PHE B 216 19.05 14.74 -8.71
C PHE B 216 20.35 15.42 -8.28
N CYS B 217 20.86 15.08 -7.10
CA CYS B 217 22.04 15.77 -6.60
C CYS B 217 23.36 15.41 -7.29
N ALA B 218 24.23 16.41 -7.39
CA ALA B 218 25.56 16.25 -7.94
C ALA B 218 26.63 16.63 -6.91
N GLN B 219 27.90 16.38 -7.24
CA GLN B 219 28.98 16.70 -6.32
C GLN B 219 30.06 17.58 -6.93
N VAL B 220 30.46 18.60 -6.16
CA VAL B 220 31.57 19.48 -6.50
C VAL B 220 32.76 19.24 -5.58
N SER B 221 33.95 19.60 -6.04
CA SER B 221 35.17 19.49 -5.26
C SER B 221 36.15 20.57 -5.69
N LYS B 222 37.40 20.45 -5.25
CA LYS B 222 38.47 21.35 -5.67
C LYS B 222 38.70 21.29 -7.17
N GLU B 223 38.55 20.10 -7.75
CA GLU B 223 38.83 19.84 -9.15
C GLU B 223 37.69 20.27 -10.06
N VAL B 224 36.47 19.85 -9.72
CA VAL B 224 35.25 20.34 -10.39
C VAL B 224 34.52 21.28 -9.43
N PRO B 225 34.76 22.61 -9.58
CA PRO B 225 34.20 23.58 -8.64
C PRO B 225 32.70 23.83 -8.81
N ARG B 226 32.24 23.79 -10.07
CA ARG B 226 30.84 24.09 -10.39
C ARG B 226 30.24 23.01 -11.28
N ARG B 227 28.92 22.83 -11.19
CA ARG B 227 28.20 21.97 -12.13
C ARG B 227 27.65 22.82 -13.25
N LYS B 228 27.22 22.19 -14.34
CA LYS B 228 26.76 22.92 -15.52
C LYS B 228 25.44 22.40 -16.11
N SEP B 229 25.04 21.20 -15.71
CA SEP B 229 23.84 20.57 -16.27
CB SEP B 229 23.83 19.07 -15.97
OG SEP B 229 24.35 18.81 -14.66
C SEP B 229 22.59 21.23 -15.76
O SEP B 229 22.53 21.66 -14.61
P SEP B 229 25.61 17.85 -14.39
O1P SEP B 229 26.66 18.78 -13.82
O2P SEP B 229 25.07 16.85 -13.40
O3P SEP B 229 25.96 17.26 -15.74
N LEU B 230 21.59 21.32 -16.63
CA LEU B 230 20.29 21.89 -16.31
C LEU B 230 19.41 20.84 -15.62
N VAL B 231 19.31 20.95 -14.30
CA VAL B 231 18.61 19.97 -13.48
C VAL B 231 17.73 20.69 -12.46
N GLY B 232 16.54 20.13 -12.22
CA GLY B 232 15.62 20.67 -11.21
C GLY B 232 14.20 20.87 -11.70
N THR B 233 13.42 21.62 -10.93
CA THR B 233 12.04 21.92 -11.29
C THR B 233 11.95 23.41 -11.64
N PRO B 234 11.48 23.72 -12.87
CA PRO B 234 11.42 25.05 -13.47
C PRO B 234 11.25 26.24 -12.51
N TYR B 235 10.28 26.18 -11.62
CA TYR B 235 9.93 27.31 -10.76
C TYR B 235 10.90 27.51 -9.59
N TRP B 236 11.46 26.41 -9.10
CA TRP B 236 12.40 26.43 -7.97
C TRP B 236 13.84 26.59 -8.39
N MET B 237 14.07 26.64 -9.70
CA MET B 237 15.41 26.78 -10.26
C MET B 237 16.02 28.17 -10.05
N ALA B 238 17.29 28.20 -9.68
CA ALA B 238 18.05 29.45 -9.50
C ALA B 238 18.32 30.15 -10.84
N PRO B 239 18.43 31.50 -10.84
CA PRO B 239 18.61 32.28 -12.07
C PRO B 239 19.91 32.00 -12.83
N GLU B 240 21.00 31.80 -12.09
CA GLU B 240 22.30 31.49 -12.70
C GLU B 240 22.29 30.10 -13.35
N LEU B 241 21.54 29.19 -12.75
CA LEU B 241 21.37 27.83 -13.27
C LEU B 241 20.58 27.85 -14.59
N ILE B 242 19.51 28.64 -14.61
CA ILE B 242 18.66 28.79 -15.80
C ILE B 242 19.45 29.40 -16.96
N SER B 243 20.35 30.35 -16.65
CA SER B 243 21.21 30.97 -17.65
C SER B 243 22.28 30.01 -18.19
N ARG B 244 22.27 28.78 -17.68
CA ARG B 244 23.27 27.75 -18.02
C ARG B 244 24.72 28.20 -17.73
N LEU B 245 24.89 28.79 -16.55
CA LEU B 245 26.20 29.20 -16.05
C LEU B 245 26.70 28.16 -15.04
N PRO B 246 28.03 28.01 -14.93
CA PRO B 246 28.59 27.14 -13.89
C PRO B 246 28.09 27.55 -12.50
N TYR B 247 27.51 26.60 -11.78
CA TYR B 247 26.87 26.89 -10.50
C TYR B 247 27.35 25.97 -9.37
N GLY B 248 27.24 26.46 -8.14
CA GLY B 248 27.62 25.69 -6.96
C GLY B 248 26.43 25.33 -6.09
N PRO B 249 26.68 25.07 -4.79
CA PRO B 249 25.62 24.70 -3.83
C PRO B 249 24.63 25.84 -3.54
N GLU B 250 24.94 27.03 -4.01
CA GLU B 250 24.12 28.23 -3.76
C GLU B 250 22.74 28.13 -4.41
N VAL B 251 22.60 27.25 -5.40
CA VAL B 251 21.32 27.05 -6.10
C VAL B 251 20.26 26.42 -5.20
N ASP B 252 20.70 25.69 -4.19
CA ASP B 252 19.81 25.09 -3.20
C ASP B 252 19.21 26.15 -2.29
N ILE B 253 20.03 27.13 -1.92
CA ILE B 253 19.64 28.24 -1.07
C ILE B 253 18.55 29.08 -1.75
N TRP B 254 18.74 29.36 -3.03
CA TRP B 254 17.71 30.02 -3.83
C TRP B 254 16.44 29.23 -3.81
N SER B 255 16.55 27.94 -4.11
CA SER B 255 15.38 27.03 -4.15
C SER B 255 14.61 27.07 -2.84
N LEU B 256 15.34 27.00 -1.73
CA LEU B 256 14.74 27.10 -0.40
C LEU B 256 13.99 28.44 -0.24
N GLY B 257 14.52 29.50 -0.84
CA GLY B 257 13.86 30.79 -0.86
C GLY B 257 12.51 30.74 -1.53
N ILE B 258 12.44 30.02 -2.64
CA ILE B 258 11.18 29.80 -3.35
C ILE B 258 10.22 28.95 -2.51
N MET B 259 10.78 28.02 -1.74
CA MET B 259 9.97 27.19 -0.85
C MET B 259 9.39 27.98 0.33
N VAL B 260 10.04 29.07 0.70
CA VAL B 260 9.52 29.97 1.73
C VAL B 260 8.33 30.76 1.15
N ILE B 261 8.43 31.13 -0.12
CA ILE B 261 7.30 31.75 -0.81
C ILE B 261 6.11 30.78 -0.87
N GLU B 262 6.39 29.50 -1.10
CA GLU B 262 5.37 28.46 -1.04
C GLU B 262 4.64 28.44 0.30
N MET B 263 5.41 28.40 1.38
CA MET B 263 4.85 28.27 2.73
C MET B 263 4.02 29.48 3.13
N VAL B 264 4.42 30.66 2.64
CA VAL B 264 3.73 31.90 2.92
C VAL B 264 2.56 32.14 1.95
N ASP B 265 2.85 32.14 0.66
CA ASP B 265 1.88 32.50 -0.37
C ASP B 265 1.11 31.31 -0.99
N GLY B 266 1.61 30.10 -0.78
CA GLY B 266 0.93 28.90 -1.28
C GLY B 266 1.42 28.40 -2.62
N GLU B 267 2.12 29.26 -3.35
CA GLU B 267 2.65 28.93 -4.68
C GLU B 267 4.04 29.49 -4.86
N PRO B 268 4.88 28.83 -5.68
CA PRO B 268 6.08 29.49 -6.17
C PRO B 268 5.69 30.59 -7.17
N PRO B 269 6.53 31.62 -7.32
CA PRO B 269 6.21 32.69 -8.28
C PRO B 269 6.03 32.17 -9.70
N TYR B 270 5.08 32.78 -10.43
CA TYR B 270 4.74 32.40 -11.81
C TYR B 270 4.30 30.93 -11.97
N PHE B 271 3.71 30.37 -10.93
CA PHE B 271 3.27 28.97 -10.96
C PHE B 271 2.11 28.76 -11.93
N ASN B 272 1.31 29.81 -12.10
CA ASN B 272 0.20 29.81 -13.05
C ASN B 272 0.65 29.92 -14.51
N GLU B 273 1.92 30.26 -14.72
CA GLU B 273 2.49 30.38 -16.07
C GLU B 273 3.11 29.05 -16.52
N PRO B 274 3.25 28.84 -17.84
CA PRO B 274 3.92 27.65 -18.37
C PRO B 274 5.37 27.56 -17.89
N PRO B 275 5.86 26.33 -17.60
CA PRO B 275 7.20 26.12 -17.02
C PRO B 275 8.34 26.72 -17.84
N LEU B 276 8.23 26.68 -19.17
CA LEU B 276 9.24 27.21 -20.07
C LEU B 276 9.38 28.73 -19.92
N LYS B 277 8.24 29.42 -19.98
CA LYS B 277 8.22 30.89 -19.92
C LYS B 277 8.45 31.42 -18.50
N ALA B 278 8.11 30.61 -17.50
CA ALA B 278 8.34 30.98 -16.11
C ALA B 278 9.83 31.08 -15.81
N MET B 279 10.61 30.12 -16.32
CA MET B 279 12.06 30.12 -16.20
C MET B 279 12.66 31.37 -16.83
N LYS B 280 12.11 31.75 -17.98
CA LYS B 280 12.52 32.95 -18.69
C LYS B 280 12.32 34.20 -17.84
N MET B 281 11.25 34.22 -17.07
CA MET B 281 10.94 35.33 -16.18
C MET B 281 11.87 35.38 -14.97
N ILE B 282 12.18 34.21 -14.41
CA ILE B 282 13.11 34.10 -13.28
C ILE B 282 14.49 34.61 -13.71
N ARG B 283 14.89 34.24 -14.92
CA ARG B 283 16.18 34.65 -15.49
C ARG B 283 16.25 36.16 -15.76
N ASP B 284 15.14 36.76 -16.18
CA ASP B 284 15.13 38.15 -16.61
C ASP B 284 14.78 39.17 -15.51
N ASN B 285 13.89 38.78 -14.59
CA ASN B 285 13.37 39.69 -13.58
C ASN B 285 14.18 39.78 -12.29
N LEU B 286 13.90 40.80 -11.50
CA LEU B 286 14.45 40.96 -10.16
C LEU B 286 13.98 39.83 -9.25
N PRO B 287 14.70 39.58 -8.13
CA PRO B 287 14.25 38.51 -7.23
C PRO B 287 12.80 38.72 -6.80
N PRO B 288 12.01 37.64 -6.77
CA PRO B 288 10.59 37.72 -6.41
C PRO B 288 10.38 38.16 -4.97
N ARG B 289 9.32 38.91 -4.74
CA ARG B 289 8.98 39.43 -3.42
C ARG B 289 7.66 38.82 -2.95
N LEU B 290 7.45 38.80 -1.64
CA LEU B 290 6.20 38.27 -1.07
C LEU B 290 5.02 39.16 -1.45
N LYS B 291 3.84 38.57 -1.54
CA LYS B 291 2.64 39.29 -2.00
C LYS B 291 2.47 40.62 -1.26
N ASN B 292 2.37 40.57 0.07
CA ASN B 292 2.45 41.78 0.89
C ASN B 292 3.07 41.53 2.27
N LEU B 293 4.05 42.37 2.59
CA LEU B 293 4.90 42.20 3.76
C LEU B 293 4.28 42.76 5.04
N HIS B 294 3.03 43.24 4.93
CA HIS B 294 2.29 43.83 6.05
C HIS B 294 2.24 42.90 7.24
N LYS B 295 1.99 41.62 6.98
CA LYS B 295 1.79 40.62 8.04
C LYS B 295 3.05 39.84 8.42
N VAL B 296 4.09 39.87 7.60
CA VAL B 296 5.32 39.14 7.93
C VAL B 296 6.26 39.94 8.82
N SER B 297 6.84 39.28 9.82
CA SER B 297 7.78 39.93 10.72
C SER B 297 9.06 40.26 9.96
N PRO B 298 9.75 41.36 10.35
CA PRO B 298 10.98 41.76 9.66
C PRO B 298 12.08 40.70 9.77
N SER B 299 11.96 39.82 10.75
CA SER B 299 12.88 38.72 10.96
C SER B 299 12.85 37.73 9.79
N LEU B 300 11.65 37.37 9.35
CA LEU B 300 11.48 36.52 8.18
C LEU B 300 11.87 37.28 6.92
N LYS B 301 11.34 38.50 6.79
CA LYS B 301 11.67 39.39 5.68
C LYS B 301 13.18 39.44 5.44
N GLY B 302 13.94 39.74 6.49
CA GLY B 302 15.40 39.79 6.41
C GLY B 302 16.02 38.45 6.07
N PHE B 303 15.45 37.38 6.63
CA PHE B 303 15.88 36.01 6.37
C PHE B 303 15.73 35.62 4.91
N LEU B 304 14.57 35.95 4.32
CA LEU B 304 14.30 35.64 2.92
C LEU B 304 15.16 36.45 1.96
N ASP B 305 15.54 37.66 2.38
CA ASP B 305 16.37 38.53 1.56
C ASP B 305 17.80 38.03 1.40
N ARG B 306 18.20 37.12 2.29
CA ARG B 306 19.51 36.48 2.19
C ARG B 306 19.43 35.26 1.29
N LEU B 307 18.23 34.72 1.11
CA LEU B 307 18.01 33.54 0.29
C LEU B 307 17.89 33.88 -1.19
N LEU B 308 17.07 34.88 -1.49
CA LEU B 308 16.75 35.21 -2.88
C LEU B 308 17.61 36.36 -3.42
N VAL B 309 18.92 36.12 -3.50
CA VAL B 309 19.85 37.06 -4.11
C VAL B 309 20.26 36.54 -5.49
N ARG B 310 20.19 37.39 -6.51
CA ARG B 310 20.52 36.99 -7.88
C ARG B 310 21.98 36.57 -8.01
N ASP B 311 22.88 37.36 -7.44
CA ASP B 311 24.30 37.02 -7.41
C ASP B 311 24.54 35.93 -6.38
N PRO B 312 25.05 34.77 -6.82
CA PRO B 312 25.30 33.63 -5.93
C PRO B 312 26.35 33.91 -4.86
N ALA B 313 27.31 34.78 -5.19
CA ALA B 313 28.39 35.13 -4.26
C ALA B 313 27.90 36.00 -3.11
N GLN B 314 26.82 36.75 -3.34
CA GLN B 314 26.22 37.59 -2.30
C GLN B 314 25.19 36.80 -1.49
N ARG B 315 24.69 35.72 -2.09
CA ARG B 315 23.74 34.83 -1.45
C ARG B 315 24.36 34.15 -0.24
N ALA B 316 23.54 33.92 0.79
CA ALA B 316 24.02 33.31 2.04
C ALA B 316 24.24 31.81 1.88
N THR B 317 25.09 31.27 2.75
CA THR B 317 25.37 29.83 2.76
C THR B 317 24.60 29.16 3.88
N ALA B 318 24.37 27.86 3.75
CA ALA B 318 23.63 27.09 4.74
C ALA B 318 24.22 27.23 6.15
N ALA B 319 25.56 27.28 6.22
CA ALA B 319 26.27 27.49 7.48
C ALA B 319 25.95 28.84 8.12
N GLU B 320 25.92 29.88 7.29
CA GLU B 320 25.60 31.25 7.74
C GLU B 320 24.16 31.37 8.22
N LEU B 321 23.23 30.86 7.42
CA LEU B 321 21.80 30.96 7.72
C LEU B 321 21.40 30.16 8.94
N LEU B 322 22.20 29.15 9.26
CA LEU B 322 21.95 28.30 10.42
C LEU B 322 21.97 29.14 11.70
N LYS B 323 22.53 30.34 11.60
CA LYS B 323 22.70 31.23 12.74
C LYS B 323 21.77 32.44 12.69
N HIS B 324 20.84 32.47 11.74
CA HIS B 324 19.93 33.59 11.58
C HIS B 324 18.93 33.68 12.70
N PRO B 325 18.72 34.88 13.27
CA PRO B 325 17.78 35.07 14.39
C PRO B 325 16.37 34.55 14.11
N PHE B 326 16.03 34.40 12.83
CA PHE B 326 14.70 33.93 12.43
C PHE B 326 14.46 32.47 12.84
N LEU B 327 15.50 31.65 12.72
CA LEU B 327 15.37 30.23 13.03
C LEU B 327 15.20 29.96 14.52
N ALA B 328 15.45 30.97 15.34
CA ALA B 328 15.22 30.87 16.79
C ALA B 328 13.73 30.85 17.11
N LYS B 329 12.91 31.24 16.15
CA LYS B 329 11.44 31.22 16.29
C LYS B 329 10.88 29.81 16.14
N ALA B 330 11.67 28.91 15.53
CA ALA B 330 11.24 27.53 15.24
C ALA B 330 10.64 26.81 16.45
N GLY B 331 9.43 26.28 16.27
CA GLY B 331 8.73 25.60 17.34
C GLY B 331 9.04 24.12 17.38
N PRO B 332 8.58 23.42 18.44
CA PRO B 332 8.77 21.98 18.57
C PRO B 332 8.06 21.23 17.44
N PRO B 333 8.47 19.97 17.18
CA PRO B 333 7.73 19.15 16.21
C PRO B 333 6.22 19.13 16.48
N ALA B 334 5.83 19.17 17.75
CA ALA B 334 4.43 19.21 18.16
C ALA B 334 3.63 20.33 17.50
N SER B 335 4.26 21.47 17.24
CA SER B 335 3.57 22.63 16.67
C SER B 335 3.25 22.47 15.18
N ILE B 336 3.86 21.45 14.56
CA ILE B 336 3.62 21.13 13.15
C ILE B 336 2.46 20.13 12.97
N VAL B 337 2.21 19.32 14.00
CA VAL B 337 1.19 18.27 13.95
C VAL B 337 -0.21 18.75 13.52
N PRO B 338 -0.73 19.87 14.09
CA PRO B 338 -2.05 20.35 13.66
C PRO B 338 -2.20 20.66 12.17
N LEU B 339 -1.09 20.88 11.47
CA LEU B 339 -1.13 21.21 10.04
C LEU B 339 -1.38 19.99 9.13
N MET B 340 -1.16 18.80 9.67
CA MET B 340 -1.24 17.58 8.89
C MET B 340 -2.67 17.13 8.62
N ARG B 341 -2.84 16.38 7.52
CA ARG B 341 -4.15 16.00 6.98
C ARG B 341 -5.13 15.50 8.02
N GLN B 342 -4.66 14.62 8.91
CA GLN B 342 -5.51 14.02 9.93
C GLN B 342 -6.11 15.02 10.92
N ASN B 343 -5.49 16.19 11.06
CA ASN B 343 -5.81 17.09 12.17
C ASN B 343 -6.37 18.46 11.77
N ARG B 344 -7.30 18.48 10.82
CA ARG B 344 -7.92 19.74 10.35
C ARG B 344 -9.25 19.53 9.62
N THR B 345 -10.35 19.93 10.26
CA THR B 345 -11.68 19.88 9.64
C THR B 345 -12.46 21.17 9.88
PG ANP C . -12.80 -12.25 7.16
O1G ANP C . -12.36 -11.95 8.57
O2G ANP C . -12.44 -11.17 6.16
O3G ANP C . -12.43 -13.64 6.69
PB ANP C . -15.37 -11.97 8.76
O1B ANP C . -14.49 -11.08 9.61
O2B ANP C . -15.78 -13.31 9.34
N3B ANP C . -14.54 -12.25 7.24
PA ANP C . -17.72 -11.55 7.27
O1A ANP C . -17.88 -13.06 7.29
O2A ANP C . -17.24 -10.87 6.01
O3A ANP C . -16.73 -11.14 8.47
O5' ANP C . -19.12 -10.85 7.67
C5' ANP C . -20.06 -11.47 8.56
C4' ANP C . -21.37 -11.81 7.86
O4' ANP C . -21.77 -10.79 6.94
C3' ANP C . -21.28 -13.12 7.08
O3' ANP C . -21.97 -14.17 7.77
C2' ANP C . -21.86 -12.83 5.72
O2' ANP C . -22.97 -13.70 5.42
C1' ANP C . -22.32 -11.37 5.74
N9 ANP C . -21.82 -10.67 4.53
C8 ANP C . -20.53 -10.38 4.25
N7 ANP C . -20.40 -9.75 3.05
C5 ANP C . -21.63 -9.63 2.53
C6 ANP C . -22.20 -9.07 1.28
N6 ANP C . -21.41 -8.49 0.36
N1 ANP C . -23.55 -9.15 1.12
C2 ANP C . -24.34 -9.72 2.04
N3 ANP C . -23.89 -10.25 3.20
C4 ANP C . -22.56 -10.24 3.49
MG MG D . -17.94 -14.36 8.91
MG MG E . 8.08 13.64 -6.44
PG ANP F . 13.48 12.22 -7.32
O1G ANP F . 13.36 11.78 -8.76
O2G ANP F . 14.53 11.46 -6.54
O3G ANP F . 13.55 13.71 -7.14
PB ANP F . 10.56 11.36 -7.57
O1B ANP F . 11.00 10.50 -8.73
O2B ANP F . 9.81 12.63 -7.89
N3B ANP F . 11.95 11.76 -6.59
PA ANP F . 9.16 10.90 -5.19
O1A ANP F . 8.49 12.25 -5.32
O2A ANP F . 10.37 10.74 -4.29
O3A ANP F . 9.58 10.44 -6.68
O5' ANP F . 8.08 9.82 -4.73
C5' ANP F . 6.73 9.87 -5.23
C4' ANP F . 5.73 10.13 -4.10
O4' ANP F . 5.95 9.28 -2.97
C3' ANP F . 5.78 11.57 -3.60
O3' ANP F . 4.45 12.10 -3.61
C2' ANP F . 6.33 11.48 -2.19
O2' ANP F . 5.71 12.44 -1.33
C1' ANP F . 6.06 10.05 -1.76
N9 ANP F . 7.16 9.49 -0.92
C8 ANP F . 8.46 9.45 -1.27
N7 ANP F . 9.23 8.89 -0.29
C5 ANP F . 8.40 8.57 0.72
C6 ANP F . 8.54 7.95 2.05
N6 ANP F . 9.76 7.55 2.50
N1 ANP F . 7.42 7.78 2.80
C2 ANP F . 6.21 8.17 2.35
N3 ANP F . 6.01 8.74 1.15
C4 ANP F . 7.04 8.97 0.30
#